data_8WM0
#
_entry.id   8WM0
#
_cell.length_a   53.720
_cell.length_b   53.720
_cell.length_c   220.170
_cell.angle_alpha   90.000
_cell.angle_beta   90.000
_cell.angle_gamma   120.000
#
_symmetry.space_group_name_H-M   'P 65'
#
loop_
_entity.id
_entity.type
_entity.pdbx_description
1 polymer 'TRAF2 and NCK-interacting protein kinase'
2 polymer 'THIOPEPTIDE wTP3'
3 non-polymer ADENOSINE
4 water water
#
loop_
_entity_poly.entity_id
_entity_poly.type
_entity_poly.pdbx_seq_one_letter_code
_entity_poly.pdbx_strand_id
1 'polypeptide(L)'
;GPDEIDLSALRDPAGIFELVELVGNGTYGQVYKGRHVKTGQLAAIKVMDVTGDEEEEIKQEINMLKKYSHHRNIATYYGA
FIKKNPPGMDDQLWLVMEFCGAGSVTDLIKNTKGNTLKEEWIAYICREILRGLSHLHQHKVIHRDIKGQNVLLTENAEVK
LVDFGVSAQLDR(TPO)VGRRN(TPO)FIGTPYWMAPEVIACDENPDATYDFKSDLWSLGITAIEMAEGAPPLCDMHPMR
ALFLIPRNPAPRLKSKKWSKKFQSFIESCLVKNHSQRPATEQLMKHPFIRDQPNERQVRIQLKDHIDRTKKKRG
;
A
2 'polypeptide(L)' WW(WEH)(SAR)(DHA)(SAR)(WET)(DHA)(DHA)T(WGB)(DHA)G(WFZ) B
#
# COMPACT_ATOMS: atom_id res chain seq x y z
N GLU A 4 -1.17 19.80 -13.23
CA GLU A 4 -1.90 20.90 -12.53
C GLU A 4 -3.41 20.66 -12.63
N ILE A 5 -4.09 20.51 -11.49
CA ILE A 5 -5.57 20.32 -11.39
C ILE A 5 -6.13 21.37 -10.43
N ASP A 6 -7.28 21.98 -10.78
CA ASP A 6 -7.90 23.11 -10.05
C ASP A 6 -8.62 22.60 -8.80
N LEU A 7 -8.22 23.09 -7.62
CA LEU A 7 -8.85 22.79 -6.30
C LEU A 7 -10.13 23.61 -6.16
N SER A 8 -10.15 24.80 -6.79
CA SER A 8 -11.29 25.75 -6.86
C SER A 8 -12.52 25.09 -7.48
N ALA A 9 -12.30 24.19 -8.46
CA ALA A 9 -13.35 23.46 -9.20
C ALA A 9 -14.25 22.68 -8.25
N LEU A 10 -13.71 22.22 -7.11
CA LEU A 10 -14.37 21.28 -6.16
C LEU A 10 -15.43 22.04 -5.36
N ARG A 11 -16.69 21.55 -5.39
CA ARG A 11 -17.84 22.13 -4.64
C ARG A 11 -17.91 21.46 -3.27
N ASP A 12 -18.88 21.88 -2.44
CA ASP A 12 -19.06 21.43 -1.02
C ASP A 12 -19.96 20.20 -1.01
N PRO A 13 -19.67 19.19 -0.15
CA PRO A 13 -20.31 17.87 -0.25
C PRO A 13 -21.61 17.64 0.56
N ALA A 14 -22.13 18.67 1.25
CA ALA A 14 -23.24 18.58 2.23
C ALA A 14 -24.34 17.65 1.71
N GLY A 15 -24.99 18.00 0.60
CA GLY A 15 -26.20 17.32 0.09
C GLY A 15 -25.89 16.19 -0.88
N ILE A 16 -24.61 15.80 -1.02
CA ILE A 16 -24.14 14.79 -2.02
C ILE A 16 -23.81 13.47 -1.30
N PHE A 17 -22.83 13.50 -0.40
CA PHE A 17 -22.34 12.33 0.38
C PHE A 17 -22.55 12.59 1.88
N GLU A 18 -22.67 11.52 2.66
CA GLU A 18 -22.85 11.58 4.15
C GLU A 18 -21.89 10.59 4.83
N LEU A 19 -21.13 11.08 5.81
CA LEU A 19 -20.23 10.28 6.68
C LEU A 19 -21.08 9.35 7.54
N VAL A 20 -20.55 8.19 7.93
CA VAL A 20 -21.29 7.17 8.75
C VAL A 20 -20.44 6.82 10.00
N GLU A 21 -19.22 6.30 9.82
CA GLU A 21 -18.35 5.86 10.95
C GLU A 21 -16.86 5.88 10.56
N LEU A 22 -15.99 5.96 11.58
CA LEU A 22 -14.50 6.01 11.46
C LEU A 22 -14.00 4.67 10.88
N VAL A 23 -12.83 4.68 10.23
CA VAL A 23 -12.19 3.45 9.63
C VAL A 23 -10.66 3.49 9.80
N GLY A 24 -10.02 4.67 9.76
CA GLY A 24 -8.59 4.83 10.11
C GLY A 24 -7.94 6.04 9.45
N ASN A 25 -6.60 6.07 9.47
CA ASN A 25 -5.75 7.15 8.87
C ASN A 25 -4.41 6.58 8.42
N GLY A 26 -4.09 6.72 7.13
CA GLY A 26 -2.80 6.31 6.53
C GLY A 26 -1.75 7.40 6.66
N THR A 27 -2.12 8.65 6.30
CA THR A 27 -1.27 9.87 6.38
C THR A 27 -1.67 10.69 7.62
N TYR A 28 -2.17 10.04 8.67
CA TYR A 28 -2.75 10.67 9.90
C TYR A 28 -3.83 11.69 9.49
N GLY A 29 -4.63 11.32 8.47
CA GLY A 29 -5.87 12.01 8.07
C GLY A 29 -7.02 11.03 8.07
N GLN A 30 -8.14 11.39 8.71
CA GLN A 30 -9.27 10.48 9.04
C GLN A 30 -9.86 9.86 7.77
N VAL A 31 -10.49 8.69 7.91
CA VAL A 31 -11.22 7.97 6.82
C VAL A 31 -12.54 7.42 7.40
N TYR A 32 -13.66 7.84 6.82
CA TYR A 32 -15.03 7.43 7.24
C TYR A 32 -15.60 6.46 6.21
N LYS A 33 -16.65 5.72 6.58
CA LYS A 33 -17.49 4.93 5.64
C LYS A 33 -18.55 5.86 5.06
N GLY A 34 -18.22 6.56 3.98
CA GLY A 34 -19.15 7.48 3.29
C GLY A 34 -20.31 6.73 2.67
N ARG A 35 -21.43 7.44 2.46
CA ARG A 35 -22.64 6.91 1.76
C ARG A 35 -23.14 7.99 0.80
N HIS A 36 -23.45 7.63 -0.45
CA HIS A 36 -24.10 8.53 -1.43
C HIS A 36 -25.58 8.66 -1.06
N VAL A 37 -26.08 9.89 -1.00
CA VAL A 37 -27.38 10.24 -0.36
C VAL A 37 -28.52 9.67 -1.21
N LYS A 38 -28.52 9.94 -2.52
CA LYS A 38 -29.65 9.60 -3.43
C LYS A 38 -29.70 8.09 -3.70
N THR A 39 -28.56 7.47 -4.02
CA THR A 39 -28.46 6.08 -4.52
C THR A 39 -28.19 5.10 -3.37
N GLY A 40 -27.48 5.53 -2.33
CA GLY A 40 -27.18 4.72 -1.14
C GLY A 40 -25.83 4.02 -1.22
N GLN A 41 -25.21 4.00 -2.42
CA GLN A 41 -23.89 3.34 -2.67
C GLN A 41 -22.88 3.76 -1.60
N LEU A 42 -22.04 2.83 -1.17
CA LEU A 42 -20.95 3.05 -0.17
C LEU A 42 -19.68 3.46 -0.92
N ALA A 43 -18.84 4.26 -0.26
CA ALA A 43 -17.51 4.71 -0.75
C ALA A 43 -16.68 5.23 0.44
N ALA A 44 -15.40 4.87 0.49
CA ALA A 44 -14.44 5.36 1.51
C ALA A 44 -14.11 6.83 1.23
N ILE A 45 -14.30 7.71 2.22
CA ILE A 45 -14.06 9.18 2.13
C ILE A 45 -12.93 9.56 3.10
N LYS A 46 -11.75 9.87 2.58
CA LYS A 46 -10.60 10.39 3.38
C LYS A 46 -10.78 11.91 3.54
N VAL A 47 -11.22 12.34 4.72
CA VAL A 47 -11.32 13.77 5.14
C VAL A 47 -9.94 14.21 5.63
N MET A 48 -9.32 15.18 4.96
CA MET A 48 -8.03 15.79 5.37
C MET A 48 -8.26 17.27 5.70
N ASP A 49 -7.20 18.00 6.05
CA ASP A 49 -7.20 19.49 6.17
C ASP A 49 -6.22 20.05 5.14
N VAL A 50 -6.70 20.93 4.25
CA VAL A 50 -5.91 21.50 3.11
C VAL A 50 -5.29 22.82 3.56
N THR A 51 -4.02 23.04 3.23
CA THR A 51 -3.23 24.27 3.49
C THR A 51 -2.33 24.52 2.28
N GLY A 52 -1.28 25.34 2.43
CA GLY A 52 -0.17 25.45 1.45
C GLY A 52 0.92 24.44 1.74
N ASP A 53 1.01 23.98 3.00
CA ASP A 53 1.91 22.88 3.46
C ASP A 53 1.53 21.59 2.73
N GLU A 54 0.24 21.40 2.44
CA GLU A 54 -0.37 20.10 2.02
C GLU A 54 -0.60 20.08 0.51
N GLU A 55 -0.82 21.24 -0.14
CA GLU A 55 -1.19 21.36 -1.58
C GLU A 55 -0.04 20.87 -2.48
N GLU A 56 0.91 20.11 -1.93
CA GLU A 56 1.94 19.34 -2.69
C GLU A 56 1.45 17.91 -2.87
N GLU A 57 1.16 17.21 -1.76
CA GLU A 57 0.63 15.82 -1.71
C GLU A 57 -0.72 15.75 -2.42
N ILE A 58 -1.53 16.81 -2.31
CA ILE A 58 -2.93 16.87 -2.85
C ILE A 58 -2.87 17.01 -4.37
N LYS A 59 -1.97 17.86 -4.88
CA LYS A 59 -1.71 18.01 -6.34
C LYS A 59 -1.33 16.64 -6.91
N GLN A 60 -0.21 16.08 -6.44
CA GLN A 60 0.37 14.80 -6.92
C GLN A 60 -0.64 13.66 -6.77
N GLU A 61 -1.07 13.37 -5.54
CA GLU A 61 -1.91 12.19 -5.19
C GLU A 61 -3.13 12.10 -6.12
N ILE A 62 -3.87 13.21 -6.29
CA ILE A 62 -5.16 13.24 -7.05
C ILE A 62 -4.86 12.86 -8.50
N ASN A 63 -3.85 13.50 -9.11
CA ASN A 63 -3.40 13.24 -10.50
C ASN A 63 -3.08 11.75 -10.65
N MET A 64 -2.42 11.16 -9.64
CA MET A 64 -2.05 9.72 -9.58
C MET A 64 -3.32 8.86 -9.68
N LEU A 65 -4.33 9.16 -8.87
CA LEU A 65 -5.59 8.38 -8.78
C LEU A 65 -6.40 8.54 -10.07
N LYS A 66 -6.49 9.76 -10.60
CA LYS A 66 -7.22 10.07 -11.86
C LYS A 66 -6.66 9.21 -13.01
N LYS A 67 -5.37 8.86 -12.95
CA LYS A 67 -4.62 8.20 -14.06
C LYS A 67 -4.62 6.67 -13.91
N TYR A 68 -4.54 6.14 -12.68
CA TYR A 68 -4.13 4.75 -12.42
C TYR A 68 -5.20 3.95 -11.66
N SER A 69 -6.00 4.59 -10.80
CA SER A 69 -6.97 3.92 -9.89
C SER A 69 -7.93 3.00 -10.64
N HIS A 70 -8.13 3.21 -11.96
CA HIS A 70 -9.05 2.42 -12.82
C HIS A 70 -8.77 0.92 -12.67
N HIS A 71 -7.49 0.54 -12.52
CA HIS A 71 -7.05 -0.86 -12.27
C HIS A 71 -7.83 -1.44 -11.08
N ARG A 72 -8.23 -2.71 -11.17
CA ARG A 72 -9.09 -3.40 -10.17
C ARG A 72 -8.27 -3.72 -8.92
N ASN A 73 -6.95 -3.85 -9.06
CA ASN A 73 -5.98 -4.08 -7.96
C ASN A 73 -5.74 -2.81 -7.13
N ILE A 74 -6.26 -1.66 -7.58
CA ILE A 74 -6.15 -0.35 -6.87
C ILE A 74 -7.56 0.17 -6.57
N ALA A 75 -7.84 0.53 -5.32
CA ALA A 75 -9.11 1.16 -4.88
C ALA A 75 -9.37 2.36 -5.78
N THR A 76 -10.48 2.33 -6.51
CA THR A 76 -10.85 3.35 -7.54
C THR A 76 -11.14 4.69 -6.84
N TYR A 77 -10.78 5.80 -7.51
CA TYR A 77 -11.00 7.19 -7.05
C TYR A 77 -12.28 7.70 -7.72
N TYR A 78 -13.30 8.00 -6.92
CA TYR A 78 -14.63 8.49 -7.38
C TYR A 78 -14.54 10.00 -7.62
N GLY A 79 -13.82 10.72 -6.76
CA GLY A 79 -13.59 12.17 -6.90
C GLY A 79 -13.28 12.84 -5.56
N ALA A 80 -13.41 14.16 -5.52
CA ALA A 80 -13.07 15.02 -4.35
C ALA A 80 -14.15 16.10 -4.14
N PHE A 81 -14.25 16.59 -2.90
CA PHE A 81 -15.05 17.78 -2.49
C PHE A 81 -14.26 18.58 -1.46
N ILE A 82 -14.30 19.91 -1.53
CA ILE A 82 -13.77 20.80 -0.46
C ILE A 82 -14.96 21.28 0.38
N LYS A 83 -14.96 20.93 1.67
CA LYS A 83 -15.85 21.50 2.71
C LYS A 83 -15.20 22.80 3.22
N LYS A 84 -15.79 23.95 2.91
CA LYS A 84 -15.21 25.28 3.25
C LYS A 84 -15.83 25.77 4.58
N ASN A 85 -14.97 26.07 5.56
CA ASN A 85 -15.35 26.42 6.96
C ASN A 85 -15.12 27.91 7.17
N PRO A 86 -15.60 28.49 8.31
CA PRO A 86 -15.39 29.91 8.61
C PRO A 86 -13.94 30.37 8.56
N PRO A 87 -13.67 31.70 8.69
CA PRO A 87 -12.30 32.22 8.65
C PRO A 87 -11.41 31.67 9.78
N GLY A 88 -11.97 31.52 10.98
CA GLY A 88 -11.32 30.92 12.16
C GLY A 88 -11.45 29.40 12.16
N MET A 89 -11.03 28.75 11.06
CA MET A 89 -11.13 27.29 10.82
C MET A 89 -10.29 26.93 9.59
N ASP A 90 -10.19 25.64 9.27
CA ASP A 90 -9.38 25.13 8.12
C ASP A 90 -10.30 24.38 7.15
N ASP A 91 -10.02 24.47 5.85
CA ASP A 91 -10.80 23.79 4.78
C ASP A 91 -10.52 22.28 4.83
N GLN A 92 -11.56 21.47 4.67
CA GLN A 92 -11.53 19.98 4.82
C GLN A 92 -11.73 19.34 3.44
N LEU A 93 -10.65 18.81 2.86
CA LEU A 93 -10.68 18.00 1.61
C LEU A 93 -11.43 16.70 1.92
N TRP A 94 -12.26 16.23 0.99
CA TRP A 94 -12.86 14.86 0.97
C TRP A 94 -12.32 14.12 -0.25
N LEU A 95 -11.63 12.99 -0.05
CA LEU A 95 -11.29 12.07 -1.18
C LEU A 95 -12.22 10.87 -1.11
N VAL A 96 -13.03 10.69 -2.16
CA VAL A 96 -14.06 9.62 -2.29
C VAL A 96 -13.43 8.47 -3.09
N MET A 97 -13.55 7.24 -2.59
CA MET A 97 -12.75 6.06 -3.03
C MET A 97 -13.63 4.81 -2.97
N GLU A 98 -13.34 3.82 -3.83
CA GLU A 98 -13.91 2.45 -3.75
C GLU A 98 -13.80 1.99 -2.29
N PHE A 99 -14.93 1.68 -1.65
CA PHE A 99 -14.99 1.15 -0.27
C PHE A 99 -14.52 -0.30 -0.28
N CYS A 100 -13.48 -0.60 0.51
CA CYS A 100 -12.95 -1.98 0.72
C CYS A 100 -13.40 -2.47 2.09
N GLY A 101 -14.53 -3.19 2.12
CA GLY A 101 -15.37 -3.44 3.32
C GLY A 101 -14.79 -4.47 4.27
N ALA A 102 -13.70 -5.16 3.89
CA ALA A 102 -13.03 -6.19 4.72
C ALA A 102 -11.84 -5.57 5.47
N GLY A 103 -11.46 -4.34 5.13
CA GLY A 103 -10.36 -3.60 5.77
C GLY A 103 -9.00 -4.01 5.22
N SER A 104 -7.94 -3.77 5.98
CA SER A 104 -6.52 -4.00 5.59
C SER A 104 -6.15 -5.48 5.74
N VAL A 105 -5.02 -5.87 5.16
CA VAL A 105 -4.37 -7.20 5.40
C VAL A 105 -3.93 -7.26 6.87
N THR A 106 -3.27 -6.20 7.37
CA THR A 106 -2.71 -6.12 8.74
C THR A 106 -3.81 -6.40 9.78
N ASP A 107 -5.04 -5.92 9.53
CA ASP A 107 -6.20 -6.15 10.44
C ASP A 107 -6.62 -7.62 10.36
N LEU A 108 -6.74 -8.15 9.13
CA LEU A 108 -6.99 -9.60 8.88
C LEU A 108 -6.03 -10.43 9.73
N ILE A 109 -4.73 -10.11 9.68
CA ILE A 109 -3.65 -10.83 10.43
C ILE A 109 -3.93 -10.76 11.93
N LYS A 110 -4.25 -9.57 12.45
CA LYS A 110 -4.43 -9.33 13.92
C LYS A 110 -5.67 -10.08 14.43
N ASN A 111 -6.76 -10.08 13.66
CA ASN A 111 -8.05 -10.72 14.04
C ASN A 111 -8.00 -12.22 13.77
N THR A 112 -6.88 -12.75 13.26
CA THR A 112 -6.72 -14.17 12.85
C THR A 112 -5.90 -14.94 13.90
N LYS A 113 -6.49 -16.01 14.45
CA LYS A 113 -5.87 -16.92 15.46
C LYS A 113 -4.43 -17.25 15.02
N GLY A 114 -3.46 -16.95 15.88
CA GLY A 114 -2.03 -17.22 15.65
C GLY A 114 -1.38 -16.21 14.72
N ASN A 115 -2.14 -15.19 14.29
CA ASN A 115 -1.66 -14.07 13.44
C ASN A 115 -0.81 -14.63 12.30
N THR A 116 -1.41 -15.46 11.43
CA THR A 116 -0.77 -16.07 10.25
C THR A 116 -1.85 -16.40 9.21
N LEU A 117 -1.44 -16.63 7.95
CA LEU A 117 -2.34 -16.93 6.80
C LEU A 117 -1.82 -18.17 6.07
N LYS A 118 -2.72 -18.96 5.46
CA LYS A 118 -2.39 -20.16 4.66
C LYS A 118 -1.59 -19.72 3.43
N GLU A 119 -0.51 -20.43 3.10
CA GLU A 119 0.52 -20.04 2.09
C GLU A 119 -0.14 -19.67 0.76
N GLU A 120 -1.21 -20.37 0.38
CA GLU A 120 -1.98 -20.11 -0.87
C GLU A 120 -2.55 -18.67 -0.82
N TRP A 121 -2.92 -18.18 0.37
CA TRP A 121 -3.48 -16.81 0.58
C TRP A 121 -2.39 -15.76 0.30
N ILE A 122 -1.21 -15.97 0.87
CA ILE A 122 -0.02 -15.07 0.71
C ILE A 122 0.31 -14.96 -0.78
N ALA A 123 0.42 -16.10 -1.46
CA ALA A 123 0.78 -16.24 -2.90
C ALA A 123 -0.28 -15.53 -3.78
N TYR A 124 -1.55 -15.55 -3.38
CA TYR A 124 -2.66 -14.87 -4.08
C TYR A 124 -2.50 -13.35 -3.95
N ILE A 125 -2.47 -12.87 -2.70
CA ILE A 125 -2.44 -11.41 -2.35
C ILE A 125 -1.19 -10.79 -2.98
N CYS A 126 -0.04 -11.44 -2.84
CA CYS A 126 1.26 -11.06 -3.48
C CYS A 126 1.07 -10.88 -5.00
N ARG A 127 0.37 -11.79 -5.67
CA ARG A 127 0.15 -11.72 -7.14
C ARG A 127 -0.62 -10.44 -7.46
N GLU A 128 -1.77 -10.24 -6.80
CA GLU A 128 -2.64 -9.04 -6.95
C GLU A 128 -1.77 -7.79 -6.80
N ILE A 129 -1.04 -7.68 -5.68
CA ILE A 129 -0.09 -6.56 -5.40
C ILE A 129 0.84 -6.42 -6.60
N LEU A 130 1.54 -7.49 -6.96
CA LEU A 130 2.57 -7.53 -8.05
C LEU A 130 1.97 -7.03 -9.37
N ARG A 131 0.71 -7.41 -9.67
CA ARG A 131 -0.04 -6.93 -10.86
C ARG A 131 -0.29 -5.42 -10.69
N GLY A 132 -0.70 -5.00 -9.49
CA GLY A 132 -0.83 -3.59 -9.09
C GLY A 132 0.45 -2.82 -9.38
N LEU A 133 1.59 -3.31 -8.85
CA LEU A 133 2.93 -2.66 -8.99
C LEU A 133 3.36 -2.62 -10.46
N SER A 134 3.18 -3.73 -11.20
CA SER A 134 3.56 -3.86 -12.63
C SER A 134 2.81 -2.82 -13.47
N HIS A 135 1.56 -2.53 -13.11
CA HIS A 135 0.72 -1.48 -13.76
C HIS A 135 1.31 -0.10 -13.49
N LEU A 136 1.68 0.17 -12.23
CA LEU A 136 2.26 1.46 -11.78
C LEU A 136 3.68 1.61 -12.35
N HIS A 137 4.49 0.55 -12.28
CA HIS A 137 5.94 0.55 -12.67
C HIS A 137 6.10 0.82 -14.16
N GLN A 138 5.22 0.28 -15.00
CA GLN A 138 5.22 0.48 -16.47
C GLN A 138 4.86 1.93 -16.80
N HIS A 139 4.09 2.60 -15.92
CA HIS A 139 3.66 4.02 -16.04
C HIS A 139 4.63 4.94 -15.28
N LYS A 140 5.81 4.42 -14.89
CA LYS A 140 6.93 5.18 -14.26
C LYS A 140 6.47 5.73 -12.91
N VAL A 141 5.67 4.95 -12.17
CA VAL A 141 5.09 5.34 -10.85
C VAL A 141 5.62 4.38 -9.78
N ILE A 142 6.19 4.92 -8.70
CA ILE A 142 6.64 4.19 -7.49
C ILE A 142 5.65 4.49 -6.37
N HIS A 143 5.17 3.46 -5.65
CA HIS A 143 4.23 3.58 -4.50
C HIS A 143 4.98 4.12 -3.28
N ARG A 144 6.16 3.54 -2.98
CA ARG A 144 7.16 4.02 -1.99
C ARG A 144 6.74 3.73 -0.55
N ASP A 145 5.55 3.17 -0.32
CA ASP A 145 5.07 2.78 1.03
C ASP A 145 4.15 1.56 0.92
N ILE A 146 4.67 0.46 0.37
CA ILE A 146 3.97 -0.86 0.28
C ILE A 146 4.14 -1.59 1.61
N LYS A 147 3.03 -2.06 2.18
CA LYS A 147 2.92 -2.78 3.47
C LYS A 147 1.47 -3.23 3.64
N GLY A 148 1.17 -4.03 4.67
CA GLY A 148 -0.16 -4.63 4.91
C GLY A 148 -1.24 -3.60 5.14
N GLN A 149 -0.93 -2.45 5.73
CA GLN A 149 -1.90 -1.38 6.09
C GLN A 149 -2.44 -0.71 4.83
N ASN A 150 -1.69 -0.80 3.72
CA ASN A 150 -2.00 -0.14 2.42
C ASN A 150 -2.47 -1.18 1.39
N VAL A 151 -2.70 -2.42 1.81
CA VAL A 151 -3.29 -3.51 0.98
C VAL A 151 -4.65 -3.85 1.58
N LEU A 152 -5.73 -3.51 0.88
CA LEU A 152 -7.12 -3.59 1.38
C LEU A 152 -7.88 -4.71 0.64
N LEU A 153 -8.94 -5.20 1.27
CA LEU A 153 -9.75 -6.37 0.83
C LEU A 153 -11.22 -5.94 0.78
N THR A 154 -11.91 -6.33 -0.30
CA THR A 154 -13.37 -6.13 -0.48
C THR A 154 -14.10 -7.31 0.17
N GLU A 155 -15.40 -7.15 0.44
CA GLU A 155 -16.28 -8.22 1.01
C GLU A 155 -16.11 -9.51 0.18
N ASN A 156 -15.70 -9.39 -1.09
CA ASN A 156 -15.51 -10.51 -2.06
C ASN A 156 -14.05 -10.97 -2.09
N ALA A 157 -13.16 -10.29 -1.35
CA ALA A 157 -11.75 -10.67 -1.12
C ALA A 157 -10.91 -10.48 -2.39
N GLU A 158 -11.22 -9.46 -3.21
CA GLU A 158 -10.32 -8.95 -4.27
C GLU A 158 -9.43 -7.86 -3.64
N VAL A 159 -8.15 -7.84 -4.05
CA VAL A 159 -7.04 -7.09 -3.39
C VAL A 159 -6.92 -5.71 -4.06
N LYS A 160 -7.04 -4.63 -3.27
CA LYS A 160 -6.99 -3.22 -3.74
C LYS A 160 -5.94 -2.45 -2.93
N LEU A 161 -4.93 -1.90 -3.61
CA LEU A 161 -3.89 -1.00 -2.99
C LEU A 161 -4.51 0.38 -2.73
N VAL A 162 -4.05 1.06 -1.67
CA VAL A 162 -4.52 2.42 -1.29
C VAL A 162 -3.31 3.26 -0.87
N ASP A 163 -3.52 4.58 -0.69
CA ASP A 163 -2.56 5.55 -0.09
C ASP A 163 -1.42 5.83 -1.08
N PHE A 164 -1.63 6.78 -2.01
CA PHE A 164 -0.63 7.25 -2.98
C PHE A 164 -0.04 8.59 -2.52
N GLY A 165 -0.12 8.87 -1.21
CA GLY A 165 0.33 10.13 -0.58
C GLY A 165 1.81 10.38 -0.78
N VAL A 166 2.65 9.36 -0.63
CA VAL A 166 4.15 9.47 -0.70
C VAL A 166 4.66 8.82 -2.00
N SER A 167 3.77 8.59 -2.97
CA SER A 167 4.10 8.07 -4.33
C SER A 167 5.00 9.06 -5.07
N ALA A 168 5.70 8.59 -6.11
CA ALA A 168 6.60 9.38 -6.96
C ALA A 168 6.28 9.11 -8.44
N GLN A 169 5.97 10.17 -9.19
CA GLN A 169 5.91 10.17 -10.68
C GLN A 169 7.29 10.56 -11.22
N LEU A 170 7.73 9.91 -12.29
CA LEU A 170 9.00 10.25 -13.00
C LEU A 170 8.69 10.58 -14.45
N ASP A 171 9.39 11.57 -15.00
CA ASP A 171 9.22 12.06 -16.40
C ASP A 171 9.81 11.02 -17.36
N ARG A 172 10.85 10.30 -16.90
CA ARG A 172 11.69 9.38 -17.72
C ARG A 172 11.74 8.02 -17.04
N VAL A 174 14.49 6.04 -17.24
CA VAL A 174 15.86 5.92 -16.75
C VAL A 174 15.98 6.55 -15.35
N GLY A 175 14.97 7.34 -14.94
CA GLY A 175 15.01 8.23 -13.75
C GLY A 175 15.08 7.47 -12.44
N ARG A 176 15.74 8.08 -11.44
CA ARG A 176 15.85 7.59 -10.04
C ARG A 176 15.30 8.66 -9.10
N ARG A 177 15.17 8.33 -7.81
CA ARG A 177 14.70 9.26 -6.74
C ARG A 177 15.71 9.22 -5.58
N ASN A 178 15.67 10.21 -4.68
CA ASN A 178 16.65 10.39 -3.58
C ASN A 178 15.97 10.85 -2.29
N PHE A 180 14.31 10.05 1.16
CA PHE A 180 14.18 9.10 2.25
C PHE A 180 12.74 9.13 2.76
N ILE A 181 11.97 8.07 2.49
CA ILE A 181 10.48 8.04 2.64
C ILE A 181 10.02 6.59 2.79
N GLY A 182 8.79 6.38 3.29
CA GLY A 182 8.18 5.06 3.53
C GLY A 182 8.19 4.70 5.01
N THR A 183 7.94 3.43 5.34
CA THR A 183 7.91 2.89 6.73
C THR A 183 9.15 2.05 6.99
N PRO A 184 9.98 2.41 8.00
CA PRO A 184 11.27 1.77 8.26
C PRO A 184 11.40 0.26 8.00
N TYR A 185 10.53 -0.56 8.60
CA TYR A 185 10.58 -2.04 8.53
C TYR A 185 10.48 -2.50 7.07
N TRP A 186 9.60 -1.87 6.30
CA TRP A 186 9.28 -2.23 4.89
C TRP A 186 10.23 -1.53 3.91
N MET A 187 11.04 -0.58 4.38
CA MET A 187 11.96 0.24 3.53
C MET A 187 13.13 -0.63 3.03
N ALA A 188 13.53 -0.43 1.77
CA ALA A 188 14.65 -1.13 1.11
C ALA A 188 15.96 -0.42 1.43
N PRO A 189 17.12 -1.11 1.39
CA PRO A 189 18.40 -0.53 1.78
C PRO A 189 18.79 0.76 1.03
N GLU A 190 18.64 0.77 -0.29
CA GLU A 190 19.01 1.91 -1.18
C GLU A 190 18.11 3.12 -0.85
N VAL A 191 16.93 2.90 -0.27
CA VAL A 191 16.03 3.98 0.23
C VAL A 191 16.61 4.50 1.56
N ILE A 192 16.97 3.59 2.47
CA ILE A 192 17.59 3.90 3.79
C ILE A 192 18.87 4.72 3.58
N ALA A 193 19.60 4.44 2.49
CA ALA A 193 20.86 5.11 2.10
C ALA A 193 20.65 6.62 1.91
N CYS A 194 19.46 7.03 1.45
CA CYS A 194 19.12 8.45 1.12
C CYS A 194 18.95 9.30 2.39
N ASP A 195 19.07 8.70 3.58
CA ASP A 195 18.90 9.39 4.89
C ASP A 195 20.05 10.37 5.12
N GLU A 196 21.30 9.89 5.01
CA GLU A 196 22.54 10.65 5.32
C GLU A 196 23.24 11.07 4.02
N ASN A 197 23.42 10.15 3.08
CA ASN A 197 24.22 10.32 1.84
C ASN A 197 23.35 10.91 0.73
N PRO A 198 23.57 12.18 0.31
CA PRO A 198 22.78 12.80 -0.76
C PRO A 198 22.99 12.22 -2.17
N ASP A 199 24.05 11.45 -2.38
CA ASP A 199 24.37 10.77 -3.67
C ASP A 199 23.47 9.54 -3.84
N ALA A 200 23.04 8.93 -2.73
CA ALA A 200 22.16 7.74 -2.69
C ALA A 200 20.90 8.01 -3.53
N THR A 201 20.66 7.19 -4.55
CA THR A 201 19.43 7.21 -5.37
C THR A 201 18.87 5.78 -5.49
N TYR A 202 17.56 5.66 -5.72
CA TYR A 202 16.81 4.38 -5.87
C TYR A 202 15.75 4.53 -6.96
N ASP A 203 15.01 3.45 -7.25
CA ASP A 203 14.00 3.40 -8.32
C ASP A 203 12.89 2.39 -7.94
N PHE A 204 12.09 1.99 -8.92
CA PHE A 204 10.92 1.08 -8.82
C PHE A 204 11.26 -0.19 -8.01
N LYS A 205 12.54 -0.58 -7.97
CA LYS A 205 13.03 -1.80 -7.27
C LYS A 205 12.63 -1.77 -5.79
N SER A 206 12.55 -0.59 -5.18
CA SER A 206 12.23 -0.38 -3.74
C SER A 206 10.91 -1.08 -3.37
N ASP A 207 9.85 -0.87 -4.16
CA ASP A 207 8.50 -1.44 -3.94
C ASP A 207 8.58 -2.98 -3.82
N LEU A 208 9.41 -3.61 -4.65
CA LEU A 208 9.51 -5.08 -4.78
C LEU A 208 10.07 -5.67 -3.48
N TRP A 209 11.01 -4.96 -2.85
CA TRP A 209 11.55 -5.29 -1.49
C TRP A 209 10.41 -5.21 -0.47
N SER A 210 9.72 -4.07 -0.42
CA SER A 210 8.58 -3.81 0.50
C SER A 210 7.55 -4.95 0.38
N LEU A 211 7.35 -5.49 -0.82
CA LEU A 211 6.42 -6.64 -1.08
C LEU A 211 6.94 -7.88 -0.36
N GLY A 212 8.24 -8.19 -0.49
CA GLY A 212 8.90 -9.28 0.25
C GLY A 212 8.62 -9.17 1.75
N ILE A 213 8.78 -7.97 2.31
CA ILE A 213 8.63 -7.70 3.77
C ILE A 213 7.14 -7.82 4.14
N THR A 214 6.24 -7.38 3.26
CA THR A 214 4.77 -7.58 3.40
C THR A 214 4.47 -9.08 3.40
N ALA A 215 5.05 -9.80 2.43
CA ALA A 215 4.91 -11.27 2.28
C ALA A 215 5.28 -11.95 3.61
N ILE A 216 6.44 -11.60 4.17
CA ILE A 216 6.90 -12.10 5.49
C ILE A 216 5.91 -11.65 6.57
N GLU A 217 5.47 -10.39 6.51
CA GLU A 217 4.45 -9.83 7.45
C GLU A 217 3.26 -10.81 7.52
N MET A 218 2.79 -11.27 6.36
CA MET A 218 1.59 -12.15 6.23
C MET A 218 1.88 -13.54 6.82
N ALA A 219 3.11 -14.05 6.67
CA ALA A 219 3.55 -15.35 7.20
C ALA A 219 3.66 -15.31 8.74
N GLU A 220 4.61 -14.52 9.26
CA GLU A 220 5.06 -14.58 10.68
C GLU A 220 4.19 -13.66 11.55
N GLY A 221 3.33 -12.83 10.96
CA GLY A 221 2.37 -11.98 11.68
C GLY A 221 2.86 -10.55 11.87
N ALA A 222 4.09 -10.27 11.43
CA ALA A 222 4.73 -8.93 11.51
C ALA A 222 6.00 -8.94 10.66
N PRO A 223 6.57 -7.76 10.31
CA PRO A 223 7.80 -7.72 9.53
C PRO A 223 9.02 -8.16 10.32
N PRO A 224 10.16 -8.49 9.68
CA PRO A 224 11.42 -8.69 10.38
C PRO A 224 11.83 -7.43 11.16
N LEU A 225 12.43 -7.61 12.35
CA LEU A 225 12.97 -6.53 13.22
C LEU A 225 11.81 -5.70 13.83
N CYS A 226 10.61 -6.27 13.93
CA CYS A 226 9.39 -5.61 14.49
CA CYS A 226 9.42 -5.54 14.47
C CYS A 226 9.56 -5.36 16.00
N ASP A 227 10.45 -6.13 16.63
CA ASP A 227 10.73 -6.10 18.10
C ASP A 227 11.87 -5.11 18.40
N MET A 228 12.25 -4.29 17.42
CA MET A 228 13.32 -3.25 17.51
C MET A 228 12.68 -1.89 17.28
N HIS A 229 13.27 -0.83 17.85
CA HIS A 229 12.89 0.58 17.53
C HIS A 229 13.15 0.81 16.04
N PRO A 230 12.23 1.47 15.32
CA PRO A 230 12.42 1.76 13.90
C PRO A 230 13.83 2.25 13.53
N MET A 231 14.36 3.19 14.32
CA MET A 231 15.68 3.83 14.06
C MET A 231 16.80 2.79 14.09
N ARG A 232 16.59 1.64 14.73
CA ARG A 232 17.57 0.51 14.79
C ARG A 232 17.43 -0.38 13.56
N ALA A 233 16.21 -0.86 13.28
CA ALA A 233 15.85 -1.58 12.04
C ALA A 233 16.54 -0.86 10.87
N LEU A 234 16.45 0.47 10.84
CA LEU A 234 17.15 1.35 9.86
C LEU A 234 18.62 0.96 9.77
N PHE A 235 19.39 1.10 10.86
CA PHE A 235 20.82 0.72 10.92
C PHE A 235 20.99 -0.75 10.50
N LEU A 236 20.06 -1.62 10.90
CA LEU A 236 20.16 -3.09 10.74
C LEU A 236 19.99 -3.49 9.26
N ILE A 237 18.91 -3.04 8.61
CA ILE A 237 18.43 -3.60 7.31
C ILE A 237 19.59 -3.63 6.29
N PRO A 238 20.39 -2.55 6.12
CA PRO A 238 21.57 -2.61 5.26
C PRO A 238 22.68 -3.56 5.72
N ARG A 239 22.85 -3.74 7.04
CA ARG A 239 23.97 -4.51 7.67
C ARG A 239 23.63 -6.00 7.71
N ASN A 240 22.43 -6.37 8.18
CA ASN A 240 22.02 -7.77 8.46
C ASN A 240 21.90 -8.55 7.16
N PRO A 241 21.89 -9.91 7.21
CA PRO A 241 21.64 -10.73 6.03
C PRO A 241 20.16 -10.63 5.64
N ALA A 242 19.88 -10.33 4.37
CA ALA A 242 18.51 -10.13 3.82
C ALA A 242 17.55 -11.12 4.48
N PRO A 243 16.42 -10.66 5.06
CA PRO A 243 15.53 -11.53 5.82
C PRO A 243 15.05 -12.78 5.06
N ARG A 244 14.89 -13.89 5.79
CA ARG A 244 14.29 -15.17 5.31
C ARG A 244 13.08 -15.49 6.20
N LEU A 245 12.33 -16.53 5.86
CA LEU A 245 11.21 -17.05 6.70
C LEU A 245 11.79 -17.66 7.99
N LYS A 246 11.03 -17.65 9.07
CA LYS A 246 11.38 -18.31 10.36
C LYS A 246 11.07 -19.80 10.23
N SER A 247 9.79 -20.15 10.10
CA SER A 247 9.27 -21.54 9.93
C SER A 247 9.73 -22.11 8.59
N LYS A 248 10.06 -23.41 8.55
CA LYS A 248 10.40 -24.17 7.32
C LYS A 248 9.22 -25.09 6.95
N LYS A 249 8.02 -24.79 7.47
CA LYS A 249 6.74 -25.48 7.12
C LYS A 249 6.17 -24.86 5.84
N TRP A 250 6.74 -23.75 5.37
CA TRP A 250 6.41 -23.11 4.06
C TRP A 250 7.07 -23.89 2.91
N SER A 251 6.61 -23.68 1.67
CA SER A 251 7.08 -24.39 0.45
C SER A 251 8.44 -23.85 0.01
N LYS A 252 9.16 -24.62 -0.81
CA LYS A 252 10.50 -24.26 -1.37
C LYS A 252 10.36 -23.02 -2.27
N LYS A 253 9.32 -22.98 -3.10
CA LYS A 253 9.04 -21.85 -4.04
C LYS A 253 8.88 -20.55 -3.23
N PHE A 254 8.00 -20.54 -2.24
CA PHE A 254 7.74 -19.37 -1.35
C PHE A 254 9.07 -18.89 -0.76
N GLN A 255 9.90 -19.81 -0.27
CA GLN A 255 11.25 -19.51 0.29
C GLN A 255 12.11 -18.82 -0.77
N SER A 256 12.07 -19.30 -2.03
CA SER A 256 12.85 -18.75 -3.16
C SER A 256 12.25 -17.40 -3.62
N PHE A 257 10.93 -17.22 -3.50
CA PHE A 257 10.23 -15.95 -3.80
C PHE A 257 10.79 -14.85 -2.88
N ILE A 258 10.53 -14.96 -1.58
CA ILE A 258 11.11 -14.10 -0.51
C ILE A 258 12.61 -13.89 -0.82
N GLU A 259 13.31 -14.95 -1.23
CA GLU A 259 14.76 -14.97 -1.53
C GLU A 259 15.05 -14.14 -2.78
N SER A 260 14.08 -14.00 -3.68
CA SER A 260 14.17 -13.20 -4.94
C SER A 260 13.85 -11.73 -4.66
N CYS A 261 12.75 -11.47 -3.92
CA CYS A 261 12.30 -10.11 -3.52
C CYS A 261 13.42 -9.39 -2.77
N LEU A 262 13.88 -9.99 -1.68
CA LEU A 262 14.77 -9.35 -0.67
C LEU A 262 16.24 -9.59 -1.04
N VAL A 263 16.68 -9.00 -2.15
CA VAL A 263 18.12 -8.92 -2.57
C VAL A 263 18.59 -7.49 -2.30
N LYS A 264 19.64 -7.32 -1.49
CA LYS A 264 20.16 -6.00 -1.04
C LYS A 264 20.46 -5.11 -2.26
N ASN A 265 21.37 -5.57 -3.13
CA ASN A 265 21.79 -4.84 -4.35
C ASN A 265 20.60 -4.75 -5.31
N HIS A 266 20.17 -3.53 -5.66
CA HIS A 266 18.99 -3.25 -6.51
C HIS A 266 19.35 -3.44 -7.98
N SER A 267 20.64 -3.58 -8.30
CA SER A 267 21.13 -4.09 -9.60
C SER A 267 20.86 -5.60 -9.68
N GLN A 268 21.21 -6.34 -8.62
CA GLN A 268 21.00 -7.81 -8.49
C GLN A 268 19.49 -8.11 -8.38
N ARG A 269 18.72 -7.25 -7.70
CA ARG A 269 17.28 -7.49 -7.43
C ARG A 269 16.52 -7.53 -8.75
N PRO A 270 15.71 -8.58 -9.00
CA PRO A 270 14.90 -8.65 -10.21
C PRO A 270 13.92 -7.47 -10.36
N ALA A 271 13.47 -7.22 -11.58
CA ALA A 271 12.39 -6.24 -11.92
C ALA A 271 11.03 -6.92 -11.70
N THR A 272 9.94 -6.13 -11.78
CA THR A 272 8.55 -6.58 -11.54
C THR A 272 8.15 -7.63 -12.57
N GLU A 273 8.47 -7.36 -13.84
CA GLU A 273 8.14 -8.21 -15.02
C GLU A 273 8.66 -9.63 -14.79
N GLN A 274 9.82 -9.75 -14.12
CA GLN A 274 10.46 -11.05 -13.76
C GLN A 274 9.65 -11.71 -12.64
N LEU A 275 9.34 -10.96 -11.57
CA LEU A 275 8.68 -11.47 -10.34
C LEU A 275 7.32 -12.11 -10.68
N MET A 276 6.69 -11.68 -11.78
CA MET A 276 5.46 -12.31 -12.31
C MET A 276 5.80 -13.73 -12.82
N LYS A 277 7.00 -13.92 -13.36
CA LYS A 277 7.44 -15.18 -14.03
C LYS A 277 7.91 -16.22 -13.01
N HIS A 278 7.99 -15.85 -11.72
CA HIS A 278 8.48 -16.76 -10.64
C HIS A 278 7.44 -17.85 -10.36
N PRO A 279 7.87 -19.12 -10.19
CA PRO A 279 6.97 -20.22 -9.82
C PRO A 279 5.89 -19.92 -8.78
N PHE A 280 6.26 -19.26 -7.68
CA PHE A 280 5.37 -18.86 -6.55
C PHE A 280 4.21 -18.02 -7.07
N ILE A 281 4.44 -17.23 -8.13
CA ILE A 281 3.44 -16.31 -8.75
C ILE A 281 2.87 -16.97 -10.02
N ARG A 282 3.72 -17.20 -11.03
CA ARG A 282 3.34 -17.66 -12.39
C ARG A 282 2.32 -18.80 -12.32
N ASP A 283 2.54 -19.77 -11.42
CA ASP A 283 1.73 -21.01 -11.28
C ASP A 283 0.92 -20.93 -9.98
N GLN A 284 -0.33 -20.45 -10.06
CA GLN A 284 -1.22 -20.19 -8.91
C GLN A 284 -2.40 -21.17 -8.96
N PRO A 285 -2.73 -21.88 -7.86
CA PRO A 285 -3.79 -22.89 -7.84
C PRO A 285 -4.99 -22.54 -8.73
N ASN A 286 -5.59 -21.36 -8.51
CA ASN A 286 -6.64 -20.73 -9.36
C ASN A 286 -7.13 -19.45 -8.65
N GLU A 287 -7.39 -18.41 -9.43
CA GLU A 287 -7.74 -17.04 -8.95
C GLU A 287 -9.06 -17.11 -8.17
N ARG A 288 -10.03 -17.88 -8.67
CA ARG A 288 -11.37 -18.08 -8.05
C ARG A 288 -11.23 -19.02 -6.84
N GLN A 289 -10.38 -20.05 -6.93
CA GLN A 289 -10.24 -21.14 -5.94
C GLN A 289 -9.76 -20.59 -4.59
N VAL A 290 -8.72 -19.74 -4.61
CA VAL A 290 -8.12 -19.13 -3.39
C VAL A 290 -9.07 -18.03 -2.89
N ARG A 291 -9.58 -17.20 -3.80
CA ARG A 291 -10.39 -15.98 -3.46
C ARG A 291 -11.67 -16.42 -2.74
N ILE A 292 -12.43 -17.37 -3.31
CA ILE A 292 -13.64 -17.93 -2.64
C ILE A 292 -13.21 -18.40 -1.24
N GLN A 293 -12.11 -19.15 -1.15
CA GLN A 293 -11.57 -19.69 0.12
C GLN A 293 -11.32 -18.53 1.09
N LEU A 294 -10.49 -17.57 0.69
CA LEU A 294 -10.07 -16.40 1.52
C LEU A 294 -11.29 -15.53 1.87
N LYS A 295 -12.27 -15.44 0.97
CA LYS A 295 -13.55 -14.72 1.20
C LYS A 295 -14.19 -15.25 2.49
N ASP A 296 -14.22 -16.58 2.64
CA ASP A 296 -14.96 -17.29 3.70
C ASP A 296 -14.33 -17.01 5.07
N HIS A 297 -13.02 -16.82 5.12
CA HIS A 297 -12.24 -16.59 6.37
C HIS A 297 -12.45 -15.17 6.88
N ILE A 298 -12.37 -14.17 5.99
CA ILE A 298 -12.78 -12.76 6.24
C ILE A 298 -14.21 -12.76 6.79
N ASP A 299 -15.10 -13.51 6.13
CA ASP A 299 -16.56 -13.57 6.41
C ASP A 299 -16.81 -14.25 7.77
N ARG A 300 -15.87 -15.07 8.23
CA ARG A 300 -15.88 -15.70 9.58
C ARG A 300 -15.31 -14.74 10.62
N THR A 301 -14.24 -14.03 10.27
CA THR A 301 -13.38 -13.22 11.18
C THR A 301 -13.81 -11.75 11.15
N LYS A 302 -15.07 -11.46 10.82
CA LYS A 302 -15.64 -10.09 10.71
C LYS A 302 -15.65 -9.42 12.09
N TRP B 1 13.57 11.33 13.15
CA TRP B 1 14.47 11.32 12.01
C TRP B 1 14.31 10.02 11.22
N TRP B 2 13.81 8.96 11.86
CA TRP B 2 13.64 7.61 11.26
C TRP B 2 12.44 7.59 10.31
N THR B 10 5.83 16.63 9.05
CA THR B 10 5.79 16.04 10.37
C THR B 10 6.92 15.01 10.46
N GLY B 13 12.86 13.63 8.29
CA GLY B 13 14.26 13.32 8.47
C GLY B 13 14.83 13.97 9.73
#